data_1NL6
#
_entry.id   1NL6
#
_cell.length_a   71.816
_cell.length_b   75.888
_cell.length_c   114.841
_cell.angle_alpha   90.00
_cell.angle_beta   90.00
_cell.angle_gamma   90.00
#
_symmetry.space_group_name_H-M   'P 21 21 21'
#
loop_
_entity.id
_entity.type
_entity.pdbx_description
1 polymer 'Cathepsin K'
2 non-polymer '5-(2-MORPHOLIN-4-YLETHOXY)BENZOFURAN-2-CARBOXYLIC ACID ((S)-3-METHYL-1-{(S)-3-OXO-1-[2-(3-PYRIDIN-2-YLPHENYL)ACETYL]AZEPAN-4-YLCARBAMOYL}BUTYL)AMIDE'
#
_entity_poly.entity_id   1
_entity_poly.type   'polypeptide(L)'
_entity_poly.pdbx_seq_one_letter_code
;APDSVDYRKKGYVTPVKNQGQCGSCWAFSSVGALEGQLKKKTGKLLNLSPQNLVDCVSENDGCGGGYMTNAFQYVQKNRG
IDSEDAYPYVGQEESCMYNPTGKAAKCRGYREIPEGNEKALKRAVARVGPVSVAIDASLTSFQFYSKGVYYDESCNSDNL
NHAVLAVGYGIQKGNKHWIIKNSWGENWGNKGYILMARNKNNACGIANLASFPKM
;
_entity_poly.pdbx_strand_id   A,B
#
loop_
_chem_comp.id
_chem_comp.type
_chem_comp.name
_chem_comp.formula
750 non-polymer '5-(2-MORPHOLIN-4-YLETHOXY)BENZOFURAN-2-CARBOXYLIC ACID ((S)-3-METHYL-1-{(S)-3-OXO-1-[2-(3-PYRIDIN-2-YLPHENYL)ACETYL]AZEPAN-4-YLCARBAMOYL}BUTYL)AMIDE' 'C40 H47 N5 O7'
#
# COMPACT_ATOMS: atom_id res chain seq x y z
N ALA A 1 13.49 -39.51 13.59
CA ALA A 1 13.87 -38.52 12.53
C ALA A 1 13.50 -37.09 12.95
N PRO A 2 14.52 -36.24 13.21
CA PRO A 2 14.34 -34.85 13.62
C PRO A 2 13.39 -34.09 12.67
N ASP A 3 12.33 -33.48 13.23
CA ASP A 3 11.36 -32.75 12.42
C ASP A 3 11.89 -31.49 11.74
N SER A 4 12.60 -31.73 10.65
CA SER A 4 13.20 -30.71 9.82
C SER A 4 13.55 -31.54 8.59
N VAL A 5 13.61 -30.90 7.42
CA VAL A 5 13.96 -31.66 6.23
C VAL A 5 14.52 -30.75 5.16
N ASP A 6 15.50 -31.25 4.43
CA ASP A 6 16.13 -30.49 3.37
C ASP A 6 16.09 -31.29 2.06
N TYR A 7 15.07 -31.02 1.25
CA TYR A 7 14.90 -31.70 -0.02
C TYR A 7 16.14 -31.68 -0.91
N ARG A 8 17.13 -30.87 -0.57
CA ARG A 8 18.34 -30.85 -1.37
C ARG A 8 19.02 -32.20 -1.20
N LYS A 9 18.93 -32.76 0.00
CA LYS A 9 19.53 -34.05 0.26
C LYS A 9 18.75 -35.14 -0.46
N LYS A 10 17.41 -35.03 -0.45
CA LYS A 10 16.55 -36.01 -1.09
C LYS A 10 16.80 -36.05 -2.61
N GLY A 11 17.41 -35.01 -3.16
CA GLY A 11 17.66 -34.98 -4.60
C GLY A 11 16.63 -34.22 -5.42
N TYR A 12 15.67 -33.60 -4.74
CA TYR A 12 14.60 -32.84 -5.37
C TYR A 12 14.91 -31.44 -5.93
N VAL A 13 16.14 -30.94 -5.75
CA VAL A 13 16.42 -29.58 -6.24
C VAL A 13 17.62 -29.53 -7.16
N THR A 14 17.50 -28.73 -8.21
CA THR A 14 18.56 -28.57 -9.18
C THR A 14 19.47 -27.42 -8.81
N PRO A 15 20.63 -27.29 -9.47
CA PRO A 15 21.51 -26.18 -9.12
C PRO A 15 20.79 -24.85 -9.04
N VAL A 16 21.43 -23.88 -8.39
CA VAL A 16 20.88 -22.54 -8.26
C VAL A 16 21.14 -21.83 -9.56
N LYS A 17 20.15 -21.07 -10.02
CA LYS A 17 20.25 -20.34 -11.26
C LYS A 17 20.30 -18.84 -11.02
N ASN A 18 20.69 -18.10 -12.04
CA ASN A 18 20.78 -16.66 -11.96
C ASN A 18 19.91 -16.02 -13.05
N GLN A 19 18.92 -15.25 -12.66
CA GLN A 19 18.03 -14.65 -13.65
C GLN A 19 18.59 -13.50 -14.48
N GLY A 20 19.82 -13.07 -14.18
CA GLY A 20 20.45 -11.97 -14.91
C GLY A 20 19.67 -10.67 -14.83
N GLN A 21 19.71 -9.87 -15.88
CA GLN A 21 18.99 -8.61 -15.91
C GLN A 21 17.52 -8.79 -16.21
N CYS A 22 16.81 -9.60 -15.42
CA CYS A 22 15.39 -9.83 -15.68
C CYS A 22 14.60 -10.09 -14.41
N GLY A 23 13.36 -9.59 -14.39
CA GLY A 23 12.52 -9.76 -13.22
C GLY A 23 11.70 -11.03 -13.28
N SER A 24 12.39 -12.11 -13.60
CA SER A 24 11.80 -13.42 -13.75
C SER A 24 11.97 -14.32 -12.53
N CYS A 25 11.81 -13.77 -11.34
CA CYS A 25 11.96 -14.58 -10.15
C CYS A 25 10.74 -15.47 -10.01
N TRP A 26 9.65 -15.08 -10.66
CA TRP A 26 8.41 -15.85 -10.61
C TRP A 26 8.57 -17.11 -11.46
N ALA A 27 9.27 -16.97 -12.59
CA ALA A 27 9.54 -18.09 -13.48
C ALA A 27 10.45 -19.17 -12.88
N PHE A 28 11.41 -18.77 -12.04
CA PHE A 28 12.30 -19.77 -11.43
C PHE A 28 11.66 -20.40 -10.21
N SER A 29 10.84 -19.63 -9.51
CA SER A 29 10.18 -20.14 -8.33
C SER A 29 9.26 -21.27 -8.80
N SER A 30 8.55 -21.01 -9.90
CA SER A 30 7.63 -22.00 -10.47
C SER A 30 8.37 -23.24 -10.93
N VAL A 31 9.33 -23.04 -11.83
CA VAL A 31 10.11 -24.13 -12.35
C VAL A 31 10.59 -25.06 -11.24
N GLY A 32 11.29 -24.50 -10.26
CA GLY A 32 11.80 -25.33 -9.17
C GLY A 32 10.73 -26.07 -8.39
N ALA A 33 9.50 -25.60 -8.46
CA ALA A 33 8.42 -26.27 -7.75
C ALA A 33 8.00 -27.48 -8.60
N LEU A 34 8.05 -27.31 -9.93
CA LEU A 34 7.73 -28.36 -10.89
C LEU A 34 8.89 -29.33 -10.92
N GLU A 35 10.11 -28.80 -10.98
CA GLU A 35 11.28 -29.66 -11.03
C GLU A 35 11.17 -30.65 -9.87
N GLY A 36 10.63 -30.17 -8.75
CA GLY A 36 10.53 -30.99 -7.57
C GLY A 36 9.47 -32.07 -7.61
N GLN A 37 8.34 -31.74 -8.23
CA GLN A 37 7.24 -32.68 -8.34
C GLN A 37 7.58 -33.71 -9.40
N LEU A 38 8.28 -33.29 -10.44
CA LEU A 38 8.67 -34.19 -11.50
C LEU A 38 9.56 -35.29 -10.96
N LYS A 39 10.48 -34.93 -10.09
CA LYS A 39 11.42 -35.88 -9.50
C LYS A 39 10.66 -36.80 -8.55
N LYS A 40 9.57 -36.32 -7.97
CA LYS A 40 8.79 -37.15 -7.06
C LYS A 40 7.97 -38.16 -7.87
N LYS A 41 7.32 -37.68 -8.93
CA LYS A 41 6.48 -38.53 -9.74
C LYS A 41 7.23 -39.44 -10.70
N THR A 42 8.52 -39.22 -10.90
CA THR A 42 9.25 -40.07 -11.84
C THR A 42 10.68 -40.37 -11.47
N GLY A 43 11.13 -39.88 -10.30
CA GLY A 43 12.48 -40.11 -9.85
C GLY A 43 13.59 -39.43 -10.63
N LYS A 44 13.25 -38.57 -11.58
CA LYS A 44 14.28 -37.90 -12.35
C LYS A 44 14.40 -36.43 -11.99
N LEU A 45 15.63 -35.93 -11.95
CA LEU A 45 15.90 -34.53 -11.63
C LEU A 45 16.33 -33.84 -12.91
N LEU A 46 15.50 -32.91 -13.38
CA LEU A 46 15.77 -32.21 -14.62
C LEU A 46 15.66 -30.70 -14.47
N ASN A 47 16.29 -29.95 -15.39
CA ASN A 47 16.20 -28.51 -15.33
C ASN A 47 15.10 -28.06 -16.28
N LEU A 48 14.02 -27.51 -15.73
CA LEU A 48 12.93 -27.03 -16.56
C LEU A 48 13.17 -25.59 -17.02
N SER A 49 12.62 -25.25 -18.19
CA SER A 49 12.80 -23.95 -18.79
C SER A 49 11.98 -22.76 -18.30
N PRO A 50 12.62 -21.82 -17.58
CA PRO A 50 11.93 -20.64 -17.07
C PRO A 50 11.76 -19.63 -18.23
N GLN A 51 12.58 -19.79 -19.25
CA GLN A 51 12.47 -18.89 -20.40
C GLN A 51 11.11 -19.19 -21.04
N ASN A 52 10.72 -20.45 -20.92
CA ASN A 52 9.47 -20.97 -21.42
C ASN A 52 8.34 -20.15 -20.83
N LEU A 53 8.36 -20.03 -19.51
CA LEU A 53 7.34 -19.25 -18.80
C LEU A 53 7.47 -17.73 -19.07
N VAL A 54 8.70 -17.23 -19.20
CA VAL A 54 8.84 -15.80 -19.46
C VAL A 54 8.25 -15.41 -20.80
N ASP A 55 8.52 -16.24 -21.82
CA ASP A 55 8.06 -15.98 -23.18
C ASP A 55 6.63 -16.32 -23.50
N CYS A 56 6.03 -17.22 -22.73
CA CYS A 56 4.68 -17.69 -23.07
C CYS A 56 3.56 -17.48 -22.07
N VAL A 57 3.88 -17.22 -20.82
CA VAL A 57 2.82 -17.02 -19.86
C VAL A 57 2.38 -15.57 -20.02
N SER A 58 1.36 -15.38 -20.84
CA SER A 58 0.85 -14.07 -21.09
C SER A 58 0.03 -13.55 -19.92
N GLU A 59 -0.21 -14.37 -18.90
CA GLU A 59 -0.96 -13.87 -17.74
C GLU A 59 0.03 -13.03 -16.92
N ASN A 60 1.31 -13.20 -17.23
CA ASN A 60 2.38 -12.49 -16.53
C ASN A 60 3.00 -11.41 -17.41
N ASP A 61 4.06 -10.78 -16.92
CA ASP A 61 4.64 -9.68 -17.68
C ASP A 61 6.09 -9.85 -18.12
N GLY A 62 6.45 -11.09 -18.44
CA GLY A 62 7.80 -11.33 -18.90
C GLY A 62 8.77 -10.96 -17.81
N CYS A 63 9.76 -10.16 -18.17
CA CYS A 63 10.77 -9.74 -17.20
C CYS A 63 10.20 -8.67 -16.28
N GLY A 64 9.04 -8.14 -16.66
CA GLY A 64 8.39 -7.15 -15.83
C GLY A 64 7.83 -7.79 -14.57
N GLY A 65 7.94 -9.12 -14.48
CA GLY A 65 7.43 -9.84 -13.31
C GLY A 65 6.12 -10.61 -13.49
N GLY A 66 5.77 -11.41 -12.48
CA GLY A 66 4.56 -12.19 -12.54
C GLY A 66 4.35 -13.10 -11.34
N TYR A 67 3.26 -13.85 -11.35
CA TYR A 67 2.92 -14.78 -10.27
C TYR A 67 3.09 -16.25 -10.71
N MET A 68 3.21 -17.14 -9.73
CA MET A 68 3.42 -18.57 -9.98
C MET A 68 2.19 -19.36 -10.43
N THR A 69 1.03 -19.08 -9.83
CA THR A 69 -0.17 -19.78 -10.22
C THR A 69 -0.35 -19.61 -11.72
N ASN A 70 -0.54 -18.38 -12.17
CA ASN A 70 -0.69 -18.12 -13.60
C ASN A 70 0.35 -18.90 -14.40
N ALA A 71 1.45 -19.29 -13.77
CA ALA A 71 2.48 -20.06 -14.46
C ALA A 71 2.10 -21.54 -14.51
N PHE A 72 1.71 -22.07 -13.37
CA PHE A 72 1.32 -23.47 -13.28
C PHE A 72 0.11 -23.71 -14.19
N GLN A 73 -0.81 -22.75 -14.21
CA GLN A 73 -2.01 -22.81 -15.01
C GLN A 73 -1.66 -22.85 -16.50
N TYR A 74 -0.61 -22.11 -16.89
CA TYR A 74 -0.20 -22.12 -18.31
C TYR A 74 0.29 -23.51 -18.71
N VAL A 75 1.09 -24.12 -17.85
CA VAL A 75 1.63 -25.43 -18.14
C VAL A 75 0.47 -26.39 -18.33
N GLN A 76 -0.55 -26.24 -17.51
CA GLN A 76 -1.72 -27.10 -17.57
C GLN A 76 -2.37 -27.01 -18.95
N LYS A 77 -2.99 -25.88 -19.26
CA LYS A 77 -3.66 -25.76 -20.55
C LYS A 77 -2.72 -25.88 -21.75
N ASN A 78 -1.41 -25.94 -21.52
CA ASN A 78 -0.47 -26.02 -22.62
C ASN A 78 -0.06 -27.47 -22.78
N ARG A 79 -0.47 -28.29 -21.83
CA ARG A 79 -0.17 -29.70 -21.89
C ARG A 79 1.34 -29.91 -21.94
N GLY A 80 2.05 -29.16 -21.10
CA GLY A 80 3.50 -29.30 -21.04
C GLY A 80 4.35 -28.05 -20.90
N ILE A 81 5.59 -28.27 -20.47
CA ILE A 81 6.61 -27.22 -20.31
C ILE A 81 7.98 -27.78 -20.73
N ASP A 82 8.64 -27.11 -21.65
CA ASP A 82 9.95 -27.54 -22.12
C ASP A 82 11.00 -27.55 -21.01
N SER A 83 12.14 -28.16 -21.32
CA SER A 83 13.23 -28.26 -20.38
C SER A 83 14.22 -27.13 -20.71
N GLU A 84 15.13 -26.86 -19.78
CA GLU A 84 16.12 -25.81 -19.99
C GLU A 84 16.82 -26.03 -21.32
N ASP A 85 17.22 -27.28 -21.57
CA ASP A 85 17.93 -27.65 -22.81
C ASP A 85 17.14 -27.43 -24.10
N ALA A 86 15.83 -27.64 -24.03
CA ALA A 86 14.98 -27.47 -25.22
C ALA A 86 14.59 -26.02 -25.38
N TYR A 87 14.46 -25.32 -24.26
CA TYR A 87 14.11 -23.90 -24.26
C TYR A 87 15.07 -23.19 -23.28
N PRO A 88 16.31 -22.91 -23.73
CA PRO A 88 17.38 -22.25 -22.96
C PRO A 88 17.05 -20.82 -22.48
N TYR A 89 17.66 -20.45 -21.35
CA TYR A 89 17.47 -19.12 -20.75
C TYR A 89 18.39 -18.06 -21.37
N VAL A 90 17.79 -16.97 -21.83
CA VAL A 90 18.55 -15.87 -22.44
C VAL A 90 18.44 -14.59 -21.60
N GLY A 91 17.57 -14.63 -20.60
CA GLY A 91 17.40 -13.48 -19.74
C GLY A 91 16.78 -12.28 -20.44
N GLN A 92 15.74 -12.51 -21.22
CA GLN A 92 15.06 -11.41 -21.90
C GLN A 92 13.86 -11.87 -22.68
N GLU A 93 12.73 -11.23 -22.40
CA GLU A 93 11.48 -11.55 -23.07
C GLU A 93 11.67 -11.63 -24.56
N GLU A 94 11.23 -12.73 -25.14
CA GLU A 94 11.30 -12.94 -26.58
C GLU A 94 9.95 -13.48 -26.98
N SER A 95 9.82 -13.93 -28.22
CA SER A 95 8.55 -14.49 -28.72
C SER A 95 8.43 -15.90 -28.16
N CYS A 96 7.20 -16.37 -27.96
CA CYS A 96 7.02 -17.73 -27.47
C CYS A 96 7.46 -18.75 -28.55
N MET A 97 8.37 -19.62 -28.15
CA MET A 97 8.91 -20.60 -29.06
C MET A 97 8.82 -21.98 -28.40
N TYR A 98 7.68 -22.27 -27.80
CA TYR A 98 7.48 -23.55 -27.16
C TYR A 98 7.55 -24.72 -28.15
N ASN A 99 8.29 -25.77 -27.79
CA ASN A 99 8.45 -26.95 -28.64
C ASN A 99 7.91 -28.20 -27.93
N PRO A 100 6.80 -28.77 -28.44
CA PRO A 100 6.19 -29.97 -27.84
C PRO A 100 7.15 -31.15 -27.71
N THR A 101 8.04 -31.29 -28.68
CA THR A 101 9.03 -32.36 -28.65
C THR A 101 9.97 -32.21 -27.45
N GLY A 102 10.03 -30.97 -26.91
CA GLY A 102 10.88 -30.67 -25.76
C GLY A 102 10.19 -30.90 -24.43
N LYS A 103 8.86 -30.94 -24.47
CA LYS A 103 8.05 -31.19 -23.29
C LYS A 103 8.78 -32.11 -22.31
N ALA A 104 9.02 -31.62 -21.09
CA ALA A 104 9.68 -32.42 -20.08
C ALA A 104 8.84 -32.57 -18.83
N ALA A 105 7.63 -32.02 -18.84
CA ALA A 105 6.76 -32.13 -17.66
C ALA A 105 5.43 -31.47 -17.91
N LYS A 106 4.50 -31.64 -16.99
CA LYS A 106 3.20 -31.00 -17.09
C LYS A 106 2.53 -30.99 -15.73
N CYS A 107 1.30 -30.51 -15.64
CA CYS A 107 0.64 -30.48 -14.34
C CYS A 107 -0.87 -30.34 -14.46
N ARG A 108 -1.59 -30.91 -13.50
CA ARG A 108 -3.05 -30.88 -13.51
C ARG A 108 -3.64 -29.91 -12.48
N GLY A 109 -3.04 -28.71 -12.43
CA GLY A 109 -3.49 -27.69 -11.50
C GLY A 109 -2.43 -27.35 -10.45
N TYR A 110 -2.88 -26.76 -9.36
CA TYR A 110 -1.99 -26.36 -8.28
C TYR A 110 -2.85 -26.14 -7.04
N ARG A 111 -2.19 -26.03 -5.89
CA ARG A 111 -2.90 -25.77 -4.64
C ARG A 111 -2.23 -24.63 -3.89
N GLU A 112 -3.05 -23.75 -3.35
CA GLU A 112 -2.59 -22.60 -2.59
C GLU A 112 -2.55 -22.96 -1.10
N ILE A 113 -1.57 -22.38 -0.40
CA ILE A 113 -1.46 -22.60 1.03
C ILE A 113 -2.41 -21.57 1.66
N PRO A 114 -3.11 -21.94 2.73
CA PRO A 114 -3.99 -20.89 3.27
C PRO A 114 -3.12 -19.66 3.62
N GLU A 115 -3.61 -18.46 3.32
CA GLU A 115 -2.87 -17.22 3.59
C GLU A 115 -2.39 -16.95 5.03
N GLY A 116 -1.09 -16.89 5.19
CA GLY A 116 -0.49 -16.62 6.48
C GLY A 116 -0.38 -17.76 7.46
N ASN A 117 -0.63 -18.99 7.00
CA ASN A 117 -0.56 -20.15 7.90
C ASN A 117 0.76 -20.87 7.75
N GLU A 118 1.67 -20.62 8.68
CA GLU A 118 2.96 -21.28 8.60
C GLU A 118 2.83 -22.78 8.88
N LYS A 119 1.83 -23.17 9.67
CA LYS A 119 1.62 -24.59 9.97
C LYS A 119 1.35 -25.34 8.65
N ALA A 120 0.44 -24.78 7.86
CA ALA A 120 0.06 -25.32 6.56
C ALA A 120 1.26 -25.44 5.67
N LEU A 121 1.98 -24.34 5.50
CA LEU A 121 3.17 -24.34 4.66
C LEU A 121 4.18 -25.37 5.14
N LYS A 122 4.22 -25.62 6.45
CA LYS A 122 5.16 -26.58 7.02
C LYS A 122 4.77 -27.98 6.56
N ARG A 123 3.48 -28.30 6.71
CA ARG A 123 2.94 -29.58 6.29
C ARG A 123 3.20 -29.77 4.80
N ALA A 124 2.77 -28.81 3.99
CA ALA A 124 2.99 -28.89 2.56
C ALA A 124 4.44 -29.29 2.30
N VAL A 125 5.37 -28.38 2.52
CA VAL A 125 6.79 -28.68 2.29
C VAL A 125 7.14 -30.09 2.72
N ALA A 126 6.55 -30.55 3.82
CA ALA A 126 6.83 -31.89 4.32
C ALA A 126 6.28 -33.01 3.43
N ARG A 127 5.01 -32.87 3.07
CA ARG A 127 4.32 -33.89 2.27
C ARG A 127 4.33 -33.74 0.75
N VAL A 128 4.84 -32.64 0.22
CA VAL A 128 4.81 -32.45 -1.22
C VAL A 128 6.19 -32.21 -1.83
N GLY A 129 7.04 -31.55 -1.07
CA GLY A 129 8.36 -31.21 -1.56
C GLY A 129 8.41 -29.70 -1.76
N PRO A 130 9.44 -29.19 -2.42
CA PRO A 130 9.60 -27.75 -2.68
C PRO A 130 8.32 -27.01 -3.02
N VAL A 131 8.01 -25.98 -2.24
CA VAL A 131 6.83 -25.16 -2.45
C VAL A 131 7.26 -23.79 -2.91
N SER A 132 6.44 -23.15 -3.75
CA SER A 132 6.76 -21.81 -4.22
C SER A 132 6.20 -20.77 -3.25
N VAL A 133 7.04 -19.81 -2.86
CA VAL A 133 6.57 -18.74 -1.94
C VAL A 133 6.95 -17.37 -2.42
N ALA A 134 6.19 -16.39 -2.00
CA ALA A 134 6.45 -15.00 -2.37
C ALA A 134 6.81 -14.24 -1.09
N ILE A 135 7.71 -13.28 -1.20
CA ILE A 135 8.12 -12.51 -0.02
C ILE A 135 8.42 -11.05 -0.30
N ASP A 136 8.82 -10.39 0.78
CA ASP A 136 9.24 -8.99 0.77
C ASP A 136 10.76 -9.15 0.80
N ALA A 137 11.43 -8.73 -0.25
CA ALA A 137 12.88 -8.83 -0.29
C ALA A 137 13.52 -7.52 -0.69
N SER A 138 12.73 -6.45 -0.61
CA SER A 138 13.17 -5.12 -0.97
C SER A 138 14.23 -4.55 0.00
N LEU A 139 14.23 -5.02 1.24
CA LEU A 139 15.20 -4.56 2.23
C LEU A 139 16.63 -4.88 1.84
N THR A 140 17.56 -4.05 2.31
CA THR A 140 18.99 -4.22 2.01
C THR A 140 19.60 -5.29 2.91
N SER A 141 18.94 -5.57 4.03
CA SER A 141 19.44 -6.60 4.96
C SER A 141 19.26 -7.96 4.30
N PHE A 142 18.34 -8.02 3.34
CA PHE A 142 18.09 -9.24 2.61
C PHE A 142 19.13 -9.35 1.51
N GLN A 143 19.20 -8.33 0.67
CA GLN A 143 20.13 -8.32 -0.45
C GLN A 143 21.57 -8.61 -0.08
N PHE A 144 21.95 -8.33 1.17
CA PHE A 144 23.33 -8.55 1.61
C PHE A 144 23.49 -9.69 2.61
N TYR A 145 22.48 -10.56 2.68
CA TYR A 145 22.50 -11.71 3.60
C TYR A 145 23.64 -12.65 3.26
N SER A 146 24.12 -13.38 4.25
CA SER A 146 25.22 -14.33 4.02
C SER A 146 25.21 -15.53 4.96
N LYS A 147 24.64 -15.39 6.16
CA LYS A 147 24.60 -16.51 7.10
C LYS A 147 23.62 -16.35 8.26
N GLY A 148 23.28 -17.49 8.88
CA GLY A 148 22.33 -17.49 9.98
C GLY A 148 20.88 -17.39 9.54
N VAL A 149 19.97 -17.30 10.52
CA VAL A 149 18.55 -17.19 10.26
C VAL A 149 18.13 -15.73 10.14
N TYR A 150 17.79 -15.31 8.92
CA TYR A 150 17.39 -13.93 8.63
C TYR A 150 16.13 -13.50 9.36
N TYR A 151 16.00 -12.18 9.55
CA TYR A 151 14.84 -11.57 10.22
C TYR A 151 15.07 -10.07 10.44
N ASP A 152 14.23 -9.26 9.82
CA ASP A 152 14.33 -7.81 9.94
C ASP A 152 12.93 -7.32 10.24
N GLU A 153 12.74 -6.78 11.44
CA GLU A 153 11.42 -6.29 11.85
C GLU A 153 10.85 -5.19 10.95
N SER A 154 11.54 -4.89 9.85
CA SER A 154 11.08 -3.88 8.91
C SER A 154 10.52 -4.53 7.66
N CYS A 155 10.49 -5.86 7.64
CA CYS A 155 9.96 -6.57 6.51
C CYS A 155 8.47 -6.28 6.51
N ASN A 156 7.87 -6.18 5.34
CA ASN A 156 6.45 -5.89 5.24
C ASN A 156 5.67 -7.00 4.55
N SER A 157 4.96 -7.79 5.35
CA SER A 157 4.16 -8.90 4.86
C SER A 157 3.21 -8.51 3.72
N ASP A 158 2.83 -7.23 3.66
CA ASP A 158 1.93 -6.75 2.63
C ASP A 158 2.66 -6.23 1.41
N ASN A 159 3.99 -6.32 1.43
CA ASN A 159 4.77 -5.85 0.30
C ASN A 159 5.59 -6.99 -0.28
N LEU A 160 4.89 -7.92 -0.95
CA LEU A 160 5.55 -9.06 -1.57
C LEU A 160 6.10 -8.54 -2.87
N ASN A 161 7.28 -9.00 -3.25
CA ASN A 161 7.89 -8.51 -4.48
C ASN A 161 8.88 -9.49 -5.07
N HIS A 162 9.09 -10.60 -4.35
CA HIS A 162 10.03 -11.61 -4.79
C HIS A 162 9.46 -13.00 -4.66
N ALA A 163 9.75 -13.81 -5.68
CA ALA A 163 9.30 -15.20 -5.76
C ALA A 163 10.49 -16.08 -5.49
N VAL A 164 10.44 -16.82 -4.41
CA VAL A 164 11.54 -17.69 -4.09
C VAL A 164 11.03 -19.14 -3.86
N LEU A 165 11.91 -20.05 -3.44
CA LEU A 165 11.51 -21.43 -3.26
C LEU A 165 11.81 -22.10 -1.93
N ALA A 166 10.75 -22.49 -1.21
CA ALA A 166 10.94 -23.19 0.06
C ALA A 166 11.40 -24.58 -0.35
N VAL A 167 12.43 -25.08 0.30
CA VAL A 167 13.00 -26.38 -0.01
C VAL A 167 13.30 -27.11 1.27
N GLY A 168 12.76 -26.63 2.38
CA GLY A 168 13.00 -27.26 3.64
C GLY A 168 12.72 -26.37 4.85
N TYR A 169 13.08 -26.86 6.02
CA TYR A 169 12.87 -26.11 7.23
C TYR A 169 13.63 -26.77 8.37
N GLY A 170 14.10 -25.96 9.31
CA GLY A 170 14.84 -26.52 10.43
C GLY A 170 15.06 -25.57 11.58
N ILE A 171 16.12 -25.84 12.33
CA ILE A 171 16.46 -25.03 13.49
C ILE A 171 17.99 -24.87 13.48
N GLN A 172 18.45 -23.63 13.61
CA GLN A 172 19.88 -23.31 13.62
C GLN A 172 20.40 -23.23 15.05
N LYS A 173 20.35 -22.03 15.62
CA LYS A 173 20.80 -21.79 16.99
C LYS A 173 19.53 -21.73 17.82
N GLY A 174 18.73 -22.79 17.72
CA GLY A 174 17.47 -22.83 18.43
C GLY A 174 16.44 -22.00 17.70
N ASN A 175 16.84 -21.40 16.58
CA ASN A 175 15.94 -20.57 15.79
C ASN A 175 15.31 -21.30 14.62
N LYS A 176 13.99 -21.47 14.69
CA LYS A 176 13.21 -22.12 13.65
C LYS A 176 13.49 -21.39 12.35
N HIS A 177 13.62 -22.11 11.24
CA HIS A 177 13.83 -21.45 9.96
C HIS A 177 13.19 -22.14 8.74
N TRP A 178 13.38 -21.50 7.59
CA TRP A 178 12.88 -21.96 6.30
C TRP A 178 14.04 -21.97 5.31
N ILE A 179 14.44 -23.13 4.82
CA ILE A 179 15.52 -23.19 3.84
C ILE A 179 14.93 -22.64 2.56
N ILE A 180 15.41 -21.48 2.12
CA ILE A 180 14.92 -20.85 0.90
C ILE A 180 15.97 -20.81 -0.18
N LYS A 181 15.56 -21.16 -1.40
CA LYS A 181 16.46 -21.17 -2.55
C LYS A 181 16.15 -19.95 -3.41
N ASN A 182 17.17 -19.17 -3.71
CA ASN A 182 17.00 -17.95 -4.49
C ASN A 182 17.53 -18.14 -5.91
N SER A 183 17.19 -17.21 -6.81
CA SER A 183 17.62 -17.28 -8.19
C SER A 183 18.48 -16.09 -8.60
N TRP A 184 19.34 -15.64 -7.69
CA TRP A 184 20.22 -14.51 -7.98
C TRP A 184 21.67 -14.95 -8.16
N GLY A 185 21.87 -16.24 -8.38
CA GLY A 185 23.21 -16.75 -8.58
C GLY A 185 23.67 -17.49 -7.35
N GLU A 186 24.77 -18.22 -7.50
CA GLU A 186 25.34 -18.99 -6.41
C GLU A 186 26.24 -18.22 -5.49
N ASN A 187 26.60 -17.02 -5.92
CA ASN A 187 27.47 -16.16 -5.12
C ASN A 187 26.66 -15.24 -4.21
N TRP A 188 25.33 -15.34 -4.30
CA TRP A 188 24.48 -14.52 -3.45
C TRP A 188 24.23 -15.30 -2.18
N GLY A 189 23.72 -14.63 -1.15
CA GLY A 189 23.45 -15.29 0.13
C GLY A 189 24.51 -16.31 0.49
N ASN A 190 24.08 -17.53 0.81
CA ASN A 190 24.98 -18.61 1.17
C ASN A 190 24.92 -19.68 0.07
N LYS A 191 25.83 -19.59 -0.89
CA LYS A 191 25.86 -20.55 -2.00
C LYS A 191 24.50 -20.51 -2.72
N GLY A 192 23.88 -19.33 -2.72
CA GLY A 192 22.62 -19.15 -3.39
C GLY A 192 21.40 -19.29 -2.48
N TYR A 193 21.54 -19.92 -1.33
CA TYR A 193 20.38 -20.07 -0.46
C TYR A 193 20.33 -19.03 0.68
N ILE A 194 19.27 -19.11 1.47
CA ILE A 194 19.07 -18.21 2.60
C ILE A 194 18.06 -18.76 3.60
N LEU A 195 18.44 -18.79 4.87
CA LEU A 195 17.57 -19.27 5.95
C LEU A 195 16.71 -18.08 6.37
N MET A 196 15.40 -18.25 6.42
CA MET A 196 14.50 -17.16 6.79
C MET A 196 13.67 -17.51 8.02
N ALA A 197 13.59 -16.57 8.96
CA ALA A 197 12.84 -16.80 10.19
C ALA A 197 11.54 -17.57 9.94
N ARG A 198 11.28 -18.52 10.83
CA ARG A 198 10.12 -19.38 10.80
C ARG A 198 9.32 -19.21 12.10
N ASN A 199 8.00 -19.15 12.01
CA ASN A 199 7.13 -18.97 13.16
C ASN A 199 7.27 -17.62 13.85
N LYS A 200 8.08 -16.74 13.28
CA LYS A 200 8.25 -15.41 13.84
C LYS A 200 7.21 -14.49 13.20
N ASN A 201 5.94 -14.87 13.41
CA ASN A 201 4.80 -14.11 12.90
C ASN A 201 4.71 -13.93 11.38
N ASN A 202 5.02 -14.99 10.63
CA ASN A 202 4.97 -14.93 9.18
C ASN A 202 5.85 -13.80 8.68
N ALA A 203 7.11 -13.83 9.10
CA ALA A 203 8.07 -12.82 8.70
C ALA A 203 8.08 -12.61 7.18
N CYS A 204 8.18 -11.35 6.77
CA CYS A 204 8.20 -11.01 5.34
C CYS A 204 7.07 -11.71 4.58
N GLY A 205 6.06 -12.17 5.30
CA GLY A 205 4.93 -12.85 4.69
C GLY A 205 5.31 -14.05 3.85
N ILE A 206 6.13 -14.92 4.42
CA ILE A 206 6.61 -16.14 3.76
C ILE A 206 5.46 -17.07 3.34
N ALA A 207 4.49 -17.25 4.23
CA ALA A 207 3.33 -18.09 3.95
C ALA A 207 2.14 -17.18 3.68
N ASN A 208 2.31 -16.23 2.77
CA ASN A 208 1.22 -15.31 2.45
C ASN A 208 0.72 -15.53 1.03
N LEU A 209 1.53 -16.19 0.23
CA LEU A 209 1.19 -16.50 -1.16
C LEU A 209 1.96 -17.75 -1.53
N ALA A 210 1.84 -18.78 -0.70
CA ALA A 210 2.56 -20.02 -0.96
C ALA A 210 1.77 -20.99 -1.89
N SER A 211 2.47 -21.63 -2.81
CA SER A 211 1.82 -22.58 -3.70
C SER A 211 2.74 -23.59 -4.36
N PHE A 212 2.17 -24.72 -4.76
CA PHE A 212 2.91 -25.77 -5.44
C PHE A 212 2.05 -26.35 -6.55
N PRO A 213 2.69 -26.93 -7.57
CA PRO A 213 1.98 -27.53 -8.70
C PRO A 213 1.55 -28.99 -8.48
N LYS A 214 0.46 -29.39 -9.13
CA LYS A 214 -0.04 -30.77 -9.04
C LYS A 214 0.37 -31.55 -10.30
N MET A 215 1.06 -32.67 -10.13
CA MET A 215 1.50 -33.47 -11.28
C MET A 215 0.89 -34.87 -11.31
N ALA B 1 -13.67 -3.99 15.32
CA ALA B 1 -12.92 -2.78 14.88
C ALA B 1 -13.19 -1.60 15.83
N PRO B 2 -12.16 -1.17 16.60
CA PRO B 2 -12.26 -0.06 17.56
C PRO B 2 -12.90 1.20 16.93
N ASP B 3 -13.97 1.70 17.54
CA ASP B 3 -14.66 2.88 17.01
C ASP B 3 -13.84 4.15 17.07
N SER B 4 -12.96 4.26 16.09
CA SER B 4 -12.06 5.39 15.92
C SER B 4 -11.54 5.13 14.53
N VAL B 5 -11.18 6.19 13.79
CA VAL B 5 -10.66 5.96 12.45
C VAL B 5 -9.78 7.11 11.99
N ASP B 6 -8.73 6.78 11.25
CA ASP B 6 -7.79 7.76 10.74
C ASP B 6 -7.65 7.61 9.22
N TYR B 7 -8.47 8.36 8.50
CA TYR B 7 -8.44 8.32 7.06
C TYR B 7 -7.07 8.50 6.44
N ARG B 8 -6.09 8.83 7.25
CA ARG B 8 -4.76 9.00 6.71
C ARG B 8 -4.28 7.62 6.32
N LYS B 9 -4.72 6.63 7.09
CA LYS B 9 -4.33 5.25 6.83
C LYS B 9 -5.08 4.73 5.61
N LYS B 10 -6.35 5.10 5.49
CA LYS B 10 -7.17 4.70 4.36
C LYS B 10 -6.62 5.25 3.05
N GLY B 11 -5.75 6.26 3.13
CA GLY B 11 -5.18 6.86 1.93
C GLY B 11 -5.93 8.07 1.39
N TYR B 12 -6.91 8.55 2.14
CA TYR B 12 -7.73 9.68 1.74
C TYR B 12 -7.14 11.09 1.93
N VAL B 13 -5.95 11.21 2.53
CA VAL B 13 -5.37 12.53 2.74
C VAL B 13 -4.00 12.74 2.14
N THR B 14 -3.84 13.88 1.48
CA THR B 14 -2.59 14.25 0.83
C THR B 14 -1.66 14.93 1.84
N PRO B 15 -0.38 15.06 1.50
CA PRO B 15 0.52 15.71 2.46
C PRO B 15 -0.05 17.02 2.97
N VAL B 16 0.52 17.47 4.11
CA VAL B 16 0.13 18.72 4.71
C VAL B 16 0.74 19.86 3.89
N LYS B 17 -0.03 20.91 3.70
CA LYS B 17 0.42 22.07 2.93
C LYS B 17 0.61 23.29 3.85
N ASN B 18 1.25 24.31 3.31
CA ASN B 18 1.51 25.55 4.04
C ASN B 18 0.99 26.74 3.26
N GLN B 19 0.01 27.44 3.80
CA GLN B 19 -0.57 28.58 3.09
C GLN B 19 0.29 29.84 2.93
N GLY B 20 1.44 29.87 3.61
CA GLY B 20 2.31 31.03 3.53
C GLY B 20 1.66 32.29 4.07
N GLN B 21 2.07 33.44 3.53
CA GLN B 21 1.52 34.71 4.00
C GLN B 21 0.15 34.95 3.40
N CYS B 22 -0.81 34.07 3.71
CA CYS B 22 -2.15 34.22 3.14
C CYS B 22 -3.23 33.63 4.07
N GLY B 23 -4.37 34.30 4.16
CA GLY B 23 -5.44 33.78 5.02
C GLY B 23 -6.35 32.85 4.24
N SER B 24 -5.73 31.90 3.56
CA SER B 24 -6.44 30.93 2.74
C SER B 24 -6.66 29.60 3.41
N CYS B 25 -6.98 29.60 4.70
CA CYS B 25 -7.20 28.34 5.39
C CYS B 25 -8.51 27.73 4.90
N TRP B 26 -9.41 28.59 4.42
CA TRP B 26 -10.70 28.12 3.93
C TRP B 26 -10.49 27.32 2.62
N ALA B 27 -9.59 27.80 1.78
CA ALA B 27 -9.27 27.14 0.53
C ALA B 27 -8.61 25.76 0.73
N PHE B 28 -7.85 25.58 1.80
CA PHE B 28 -7.21 24.28 2.02
C PHE B 28 -8.18 23.30 2.67
N SER B 29 -8.99 23.81 3.58
CA SER B 29 -9.99 23.00 4.27
C SER B 29 -10.92 22.39 3.19
N SER B 30 -11.37 23.22 2.26
CA SER B 30 -12.24 22.79 1.18
C SER B 30 -11.55 21.75 0.31
N VAL B 31 -10.41 22.13 -0.25
CA VAL B 31 -9.67 21.23 -1.09
C VAL B 31 -9.57 19.84 -0.47
N GLY B 32 -8.94 19.74 0.69
CA GLY B 32 -8.77 18.46 1.34
C GLY B 32 -10.07 17.72 1.59
N ALA B 33 -11.20 18.41 1.47
CA ALA B 33 -12.48 17.74 1.69
C ALA B 33 -12.85 17.10 0.35
N LEU B 34 -12.52 17.81 -0.73
CA LEU B 34 -12.78 17.33 -2.09
C LEU B 34 -11.72 16.26 -2.39
N GLU B 35 -10.47 16.53 -2.03
CA GLU B 35 -9.41 15.56 -2.29
C GLU B 35 -9.87 14.24 -1.70
N GLY B 36 -10.57 14.32 -0.55
CA GLY B 36 -11.03 13.12 0.12
C GLY B 36 -12.13 12.37 -0.59
N GLN B 37 -13.13 13.10 -1.07
CA GLN B 37 -14.26 12.49 -1.77
C GLN B 37 -13.82 11.95 -3.12
N LEU B 38 -12.89 12.64 -3.77
CA LEU B 38 -12.38 12.23 -5.06
C LEU B 38 -11.74 10.85 -4.97
N LYS B 39 -11.02 10.62 -3.88
CA LYS B 39 -10.34 9.35 -3.67
C LYS B 39 -11.37 8.26 -3.35
N LYS B 40 -12.48 8.66 -2.76
CA LYS B 40 -13.53 7.71 -2.43
C LYS B 40 -14.27 7.33 -3.71
N LYS B 41 -14.62 8.34 -4.52
CA LYS B 41 -15.35 8.09 -5.76
C LYS B 41 -14.55 7.56 -6.93
N THR B 42 -13.22 7.50 -6.81
CA THR B 42 -12.44 7.01 -7.95
C THR B 42 -11.15 6.30 -7.56
N GLY B 43 -10.89 6.22 -6.27
CA GLY B 43 -9.69 5.55 -5.78
C GLY B 43 -8.37 6.27 -6.02
N LYS B 44 -8.43 7.49 -6.54
CA LYS B 44 -7.20 8.23 -6.77
C LYS B 44 -6.96 9.37 -5.76
N LEU B 45 -5.72 9.52 -5.32
CA LEU B 45 -5.36 10.57 -4.37
C LEU B 45 -4.61 11.63 -5.14
N LEU B 46 -5.21 12.82 -5.24
CA LEU B 46 -4.59 13.90 -5.98
C LEU B 46 -4.55 15.18 -5.14
N ASN B 47 -3.65 16.09 -5.51
CA ASN B 47 -3.55 17.36 -4.81
C ASN B 47 -4.36 18.36 -5.62
N LEU B 48 -5.42 18.89 -5.01
CA LEU B 48 -6.27 19.86 -5.72
C LEU B 48 -5.78 21.30 -5.45
N SER B 49 -6.03 22.18 -6.40
CA SER B 49 -5.59 23.57 -6.32
C SER B 49 -6.37 24.57 -5.45
N PRO B 50 -5.77 24.98 -4.32
CA PRO B 50 -6.43 25.94 -3.44
C PRO B 50 -6.25 27.34 -4.03
N GLN B 51 -5.23 27.48 -4.87
CA GLN B 51 -4.98 28.75 -5.52
C GLN B 51 -6.17 29.04 -6.43
N ASN B 52 -6.78 27.96 -6.90
CA ASN B 52 -7.94 27.98 -7.79
C ASN B 52 -9.08 28.65 -7.04
N LEU B 53 -9.29 28.23 -5.82
CA LEU B 53 -10.34 28.78 -5.01
C LEU B 53 -10.02 30.20 -4.56
N VAL B 54 -8.76 30.49 -4.24
CA VAL B 54 -8.39 31.84 -3.78
C VAL B 54 -8.63 32.88 -4.87
N ASP B 55 -8.22 32.54 -6.09
CA ASP B 55 -8.36 33.43 -7.23
C ASP B 55 -9.73 33.49 -7.89
N CYS B 56 -10.61 32.53 -7.64
CA CYS B 56 -11.86 32.53 -8.37
C CYS B 56 -13.14 32.51 -7.60
N VAL B 57 -13.07 32.18 -6.32
CA VAL B 57 -14.29 32.15 -5.53
C VAL B 57 -14.55 33.57 -5.08
N SER B 58 -15.31 34.29 -5.90
CA SER B 58 -15.61 35.66 -5.57
C SER B 58 -16.58 35.80 -4.42
N GLU B 59 -17.12 34.69 -3.90
CA GLU B 59 -18.05 34.81 -2.77
C GLU B 59 -17.17 34.98 -1.53
N ASN B 60 -15.88 34.71 -1.69
CA ASN B 60 -14.92 34.82 -0.59
C ASN B 60 -14.01 36.05 -0.78
N ASP B 61 -12.99 36.17 0.05
CA ASP B 61 -12.14 37.32 -0.06
C ASP B 61 -10.67 37.03 -0.30
N GLY B 62 -10.39 36.05 -1.16
CA GLY B 62 -9.01 35.72 -1.46
C GLY B 62 -8.27 35.40 -0.20
N CYS B 63 -7.11 36.03 0.01
CA CYS B 63 -6.30 35.79 1.20
C CYS B 63 -6.92 36.47 2.40
N GLY B 64 -7.91 37.29 2.13
CA GLY B 64 -8.62 37.99 3.19
C GLY B 64 -9.45 37.00 3.96
N GLY B 65 -9.58 35.79 3.44
CA GLY B 65 -10.38 34.76 4.11
C GLY B 65 -11.69 34.44 3.41
N GLY B 66 -12.32 33.36 3.85
CA GLY B 66 -13.58 32.92 3.26
C GLY B 66 -14.17 31.71 3.96
N TYR B 67 -15.28 31.22 3.41
CA TYR B 67 -15.93 30.03 3.96
C TYR B 67 -15.91 28.88 2.95
N MET B 68 -16.01 27.65 3.45
CA MET B 68 -15.97 26.45 2.60
C MET B 68 -17.17 26.21 1.67
N THR B 69 -18.39 26.43 2.17
CA THR B 69 -19.55 26.21 1.33
C THR B 69 -19.40 27.02 0.05
N ASN B 70 -19.31 28.34 0.18
CA ASN B 70 -19.13 29.20 -1.00
C ASN B 70 -18.04 28.65 -1.91
N ALA B 71 -17.16 27.81 -1.36
CA ALA B 71 -16.09 27.21 -2.15
C ALA B 71 -16.63 26.00 -2.93
N PHE B 72 -17.30 25.11 -2.21
CA PHE B 72 -17.89 23.93 -2.84
C PHE B 72 -18.88 24.37 -3.92
N GLN B 73 -19.64 25.41 -3.61
CA GLN B 73 -20.64 25.93 -4.54
C GLN B 73 -20.01 26.48 -5.83
N TYR B 74 -18.81 27.03 -5.72
CA TYR B 74 -18.13 27.58 -6.88
C TYR B 74 -17.72 26.44 -7.81
N VAL B 75 -17.23 25.36 -7.22
CA VAL B 75 -16.80 24.20 -7.99
C VAL B 75 -17.99 23.65 -8.74
N GLN B 76 -19.13 23.63 -8.08
CA GLN B 76 -20.35 23.14 -8.68
C GLN B 76 -20.70 23.92 -9.93
N LYS B 77 -21.03 25.19 -9.79
CA LYS B 77 -21.41 25.96 -10.97
C LYS B 77 -20.28 26.16 -11.97
N ASN B 78 -19.06 25.82 -11.59
CA ASN B 78 -17.91 25.98 -12.48
C ASN B 78 -17.66 24.70 -13.26
N ARG B 79 -18.33 23.63 -12.83
CA ARG B 79 -18.21 22.35 -13.48
C ARG B 79 -16.76 21.90 -13.41
N GLY B 80 -16.15 22.06 -12.23
CA GLY B 80 -14.76 21.64 -12.05
C GLY B 80 -13.83 22.50 -11.21
N ILE B 81 -12.74 21.88 -10.77
CA ILE B 81 -11.68 22.54 -10.00
C ILE B 81 -10.33 21.93 -10.38
N ASP B 82 -9.43 22.78 -10.84
CA ASP B 82 -8.10 22.36 -11.25
C ASP B 82 -7.31 21.70 -10.13
N SER B 83 -6.25 21.03 -10.52
CA SER B 83 -5.37 20.36 -9.57
C SER B 83 -4.20 21.31 -9.25
N GLU B 84 -3.49 21.02 -8.17
CA GLU B 84 -2.36 21.82 -7.78
C GLU B 84 -1.39 22.01 -8.95
N ASP B 85 -1.12 20.92 -9.67
CA ASP B 85 -0.20 20.97 -10.82
C ASP B 85 -0.68 21.85 -11.96
N ALA B 86 -1.99 21.90 -12.16
CA ALA B 86 -2.53 22.69 -13.25
C ALA B 86 -2.68 24.14 -12.80
N TYR B 87 -2.95 24.32 -11.51
CA TYR B 87 -3.13 25.64 -10.93
C TYR B 87 -2.35 25.67 -9.62
N PRO B 88 -1.04 25.87 -9.71
CA PRO B 88 -0.10 25.93 -8.58
C PRO B 88 -0.35 27.05 -7.56
N TYR B 89 0.06 26.80 -6.33
CA TYR B 89 -0.12 27.75 -5.24
C TYR B 89 1.02 28.76 -5.19
N VAL B 90 0.67 30.05 -5.17
CA VAL B 90 1.66 31.11 -5.11
C VAL B 90 1.53 31.89 -3.80
N GLY B 91 0.45 31.62 -3.07
CA GLY B 91 0.23 32.29 -1.81
C GLY B 91 -0.09 33.77 -1.96
N GLN B 92 -0.93 34.11 -2.93
CA GLN B 92 -1.31 35.50 -3.10
C GLN B 92 -2.40 35.70 -4.15
N GLU B 93 -3.48 36.35 -3.76
CA GLU B 93 -4.57 36.61 -4.67
C GLU B 93 -4.07 37.12 -6.00
N GLU B 94 -4.56 36.51 -7.07
CA GLU B 94 -4.19 36.91 -8.41
C GLU B 94 -5.48 36.87 -9.22
N SER B 95 -5.36 37.00 -10.53
CA SER B 95 -6.52 36.94 -11.41
C SER B 95 -6.96 35.49 -11.53
N CYS B 96 -8.23 35.27 -11.84
CA CYS B 96 -8.70 33.91 -12.00
C CYS B 96 -8.18 33.36 -13.33
N MET B 97 -7.45 32.26 -13.27
CA MET B 97 -6.87 31.66 -14.47
C MET B 97 -7.20 30.18 -14.53
N TYR B 98 -8.46 29.86 -14.24
CA TYR B 98 -8.95 28.48 -14.26
C TYR B 98 -8.80 27.86 -15.66
N ASN B 99 -8.28 26.64 -15.69
CA ASN B 99 -8.07 25.91 -16.95
C ASN B 99 -8.89 24.62 -16.91
N PRO B 100 -9.94 24.52 -17.77
CA PRO B 100 -10.81 23.33 -17.85
C PRO B 100 -10.02 22.05 -18.14
N THR B 101 -8.93 22.18 -18.90
CA THR B 101 -8.11 21.03 -19.26
C THR B 101 -7.44 20.49 -18.02
N GLY B 102 -7.40 21.29 -16.96
CA GLY B 102 -6.76 20.86 -15.73
C GLY B 102 -7.77 20.28 -14.74
N LYS B 103 -9.05 20.51 -15.03
CA LYS B 103 -10.13 20.00 -14.21
C LYS B 103 -9.76 18.62 -13.64
N ALA B 104 -9.67 18.53 -12.32
CA ALA B 104 -9.34 17.26 -11.67
C ALA B 104 -10.43 16.76 -10.71
N ALA B 105 -11.57 17.44 -10.71
CA ALA B 105 -12.67 17.04 -9.84
C ALA B 105 -13.82 18.00 -10.00
N LYS B 106 -14.91 17.74 -9.29
CA LYS B 106 -16.10 18.60 -9.32
C LYS B 106 -17.04 18.16 -8.19
N CYS B 107 -18.23 18.74 -8.11
CA CYS B 107 -19.13 18.33 -7.05
C CYS B 107 -20.56 18.79 -7.31
N ARG B 108 -21.53 18.04 -6.81
CA ARG B 108 -22.94 18.36 -7.03
C ARG B 108 -23.63 18.92 -5.79
N GLY B 109 -22.91 19.81 -5.08
CA GLY B 109 -23.44 20.42 -3.87
C GLY B 109 -22.59 20.08 -2.67
N TYR B 110 -23.17 20.25 -1.48
CA TYR B 110 -22.48 19.95 -0.22
C TYR B 110 -23.56 19.78 0.83
N ARG B 111 -23.17 19.22 1.98
CA ARG B 111 -24.09 19.03 3.10
C ARG B 111 -23.50 19.58 4.41
N GLU B 112 -24.33 20.27 5.16
CA GLU B 112 -23.92 20.86 6.41
C GLU B 112 -24.20 19.93 7.58
N ILE B 113 -23.33 19.94 8.59
CA ILE B 113 -23.55 19.11 9.77
C ILE B 113 -24.46 19.94 10.67
N PRO B 114 -25.38 19.30 11.39
CA PRO B 114 -26.25 20.15 12.24
C PRO B 114 -25.40 20.92 13.26
N GLU B 115 -25.63 22.24 13.35
CA GLU B 115 -24.87 23.10 14.26
C GLU B 115 -24.67 22.60 15.69
N GLY B 116 -23.40 22.39 16.06
CA GLY B 116 -23.07 21.96 17.41
C GLY B 116 -23.30 20.52 17.82
N ASN B 117 -23.62 19.66 16.85
CA ASN B 117 -23.86 18.24 17.15
C ASN B 117 -22.62 17.41 16.87
N GLU B 118 -21.88 17.08 17.91
CA GLU B 118 -20.69 16.29 17.70
C GLU B 118 -21.01 14.88 17.25
N LYS B 119 -22.16 14.35 17.67
CA LYS B 119 -22.58 13.01 17.26
C LYS B 119 -22.63 13.01 15.72
N ALA B 120 -23.38 13.95 15.17
CA ALA B 120 -23.52 14.10 13.74
C ALA B 120 -22.17 14.11 13.04
N LEU B 121 -21.30 14.99 13.51
CA LEU B 121 -19.97 15.13 12.92
C LEU B 121 -19.21 13.82 12.99
N LYS B 122 -19.49 13.06 14.05
CA LYS B 122 -18.82 11.79 14.24
C LYS B 122 -19.27 10.82 13.17
N ARG B 123 -20.58 10.76 12.97
CA ARG B 123 -21.14 9.89 11.94
C ARG B 123 -20.58 10.32 10.59
N ALA B 124 -20.76 11.60 10.25
CA ALA B 124 -20.26 12.11 8.97
C ALA B 124 -18.85 11.58 8.73
N VAL B 125 -17.86 12.11 9.48
CA VAL B 125 -16.47 11.67 9.32
C VAL B 125 -16.39 10.16 9.09
N ALA B 126 -17.21 9.40 9.80
CA ALA B 126 -17.21 7.93 9.67
C ALA B 126 -17.71 7.46 8.30
N ARG B 127 -18.86 7.97 7.88
CA ARG B 127 -19.50 7.58 6.62
C ARG B 127 -19.15 8.34 5.35
N VAL B 128 -18.38 9.42 5.44
CA VAL B 128 -18.07 10.19 4.25
C VAL B 128 -16.59 10.36 4.00
N GLY B 129 -15.82 10.42 5.07
CA GLY B 129 -14.40 10.64 4.97
C GLY B 129 -14.16 12.05 5.48
N PRO B 130 -12.97 12.62 5.26
CA PRO B 130 -12.60 13.98 5.70
C PRO B 130 -13.68 15.03 5.55
N VAL B 131 -14.01 15.68 6.67
CA VAL B 131 -15.00 16.75 6.71
C VAL B 131 -14.33 18.10 6.97
N SER B 132 -14.86 19.17 6.40
CA SER B 132 -14.33 20.52 6.62
C SER B 132 -14.96 21.15 7.87
N VAL B 133 -14.12 21.61 8.78
CA VAL B 133 -14.65 22.26 9.98
C VAL B 133 -14.04 23.63 10.24
N ALA B 134 -14.78 24.48 10.93
CA ALA B 134 -14.31 25.82 11.30
C ALA B 134 -14.11 25.83 12.81
N ILE B 135 -13.12 26.59 13.27
CA ILE B 135 -12.87 26.67 14.72
C ILE B 135 -12.34 28.02 15.19
N ASP B 136 -12.11 28.06 16.50
CA ASP B 136 -11.51 29.21 17.15
C ASP B 136 -10.08 28.76 17.31
N ALA B 137 -9.15 29.44 16.66
CA ALA B 137 -7.75 29.07 16.78
C ALA B 137 -6.88 30.27 17.16
N SER B 138 -7.55 31.38 17.51
CA SER B 138 -6.88 32.62 17.90
C SER B 138 -6.01 32.51 19.18
N LEU B 139 -6.32 31.57 20.05
CA LEU B 139 -5.56 31.39 21.26
C LEU B 139 -4.12 31.00 20.97
N THR B 140 -3.22 31.35 21.89
CA THR B 140 -1.79 31.06 21.76
C THR B 140 -1.50 29.60 22.12
N SER B 141 -2.36 29.02 22.95
CA SER B 141 -2.22 27.62 23.34
C SER B 141 -2.39 26.73 22.10
N PHE B 142 -3.09 27.26 21.11
CA PHE B 142 -3.32 26.54 19.87
C PHE B 142 -2.07 26.68 19.00
N GLN B 143 -1.72 27.93 18.70
CA GLN B 143 -0.56 28.24 17.87
C GLN B 143 0.73 27.55 18.30
N PHE B 144 0.83 27.20 19.58
CA PHE B 144 2.04 26.55 20.06
C PHE B 144 1.83 25.08 20.41
N TYR B 145 0.73 24.49 19.95
CA TYR B 145 0.42 23.09 20.23
C TYR B 145 1.50 22.16 19.67
N SER B 146 1.74 21.04 20.33
CA SER B 146 2.72 20.10 19.81
C SER B 146 2.36 18.60 20.07
N LYS B 147 1.57 18.33 21.11
CA LYS B 147 1.20 16.95 21.44
C LYS B 147 0.02 16.82 22.41
N GLY B 148 -0.59 15.64 22.43
CA GLY B 148 -1.72 15.40 23.29
C GLY B 148 -3.02 15.95 22.75
N VAL B 149 -4.10 15.74 23.49
CA VAL B 149 -5.43 16.21 23.11
C VAL B 149 -5.65 17.64 23.60
N TYR B 150 -5.65 18.58 22.65
CA TYR B 150 -5.84 20.00 22.94
C TYR B 150 -7.16 20.33 23.65
N TYR B 151 -7.16 21.43 24.38
CA TYR B 151 -8.34 21.93 25.10
C TYR B 151 -7.96 23.12 25.97
N ASP B 152 -8.59 24.26 25.70
CA ASP B 152 -8.35 25.49 26.45
C ASP B 152 -9.72 26.06 26.77
N GLU B 153 -10.09 26.07 28.05
CA GLU B 153 -11.38 26.58 28.46
C GLU B 153 -11.62 28.05 28.10
N SER B 154 -10.72 28.62 27.32
CA SER B 154 -10.87 30.00 26.89
C SER B 154 -11.23 30.04 25.41
N CYS B 155 -11.40 28.87 24.82
CA CYS B 155 -11.78 28.81 23.43
C CYS B 155 -13.20 29.36 23.34
N ASN B 156 -13.52 30.04 22.24
CA ASN B 156 -14.85 30.62 22.09
C ASN B 156 -15.58 30.08 20.86
N SER B 157 -16.55 29.20 21.11
CA SER B 157 -17.33 28.59 20.05
C SER B 157 -17.97 29.60 19.10
N ASP B 158 -18.18 30.82 19.59
CA ASP B 158 -18.78 31.87 18.77
C ASP B 158 -17.74 32.72 18.05
N ASN B 159 -16.47 32.36 18.19
CA ASN B 159 -15.40 33.10 17.54
C ASN B 159 -14.62 32.18 16.60
N LEU B 160 -15.27 31.78 15.52
CA LEU B 160 -14.64 30.90 14.53
C LEU B 160 -13.77 31.80 13.68
N ASN B 161 -12.60 31.31 13.30
CA ASN B 161 -11.70 32.14 12.53
C ASN B 161 -10.72 31.31 11.71
N HIS B 162 -10.75 30.00 11.94
CA HIS B 162 -9.86 29.10 11.23
C HIS B 162 -10.62 27.93 10.62
N ALA B 163 -10.23 27.60 9.40
CA ALA B 163 -10.82 26.52 8.64
C ALA B 163 -9.83 25.39 8.58
N VAL B 164 -10.16 24.30 9.22
CA VAL B 164 -9.25 23.16 9.23
C VAL B 164 -9.94 21.88 8.68
N LEU B 165 -9.31 20.72 8.84
CA LEU B 165 -9.89 19.49 8.30
C LEU B 165 -9.95 18.28 9.22
N ALA B 166 -11.17 17.84 9.53
CA ALA B 166 -11.33 16.65 10.38
C ALA B 166 -10.99 15.46 9.46
N VAL B 167 -10.13 14.58 9.95
CA VAL B 167 -9.69 13.44 9.17
C VAL B 167 -9.76 12.18 10.01
N GLY B 168 -10.41 12.28 11.16
CA GLY B 168 -10.51 11.13 12.02
C GLY B 168 -11.00 11.49 13.39
N TYR B 169 -10.87 10.54 14.32
CA TYR B 169 -11.31 10.73 15.70
C TYR B 169 -10.90 9.51 16.49
N GLY B 170 -10.60 9.70 17.78
CA GLY B 170 -10.19 8.58 18.58
C GLY B 170 -10.07 8.88 20.07
N ILE B 171 -9.22 8.11 20.74
CA ILE B 171 -9.01 8.28 22.16
C ILE B 171 -7.51 8.12 22.44
N GLN B 172 -6.95 9.07 23.18
CA GLN B 172 -5.53 9.07 23.53
C GLN B 172 -5.34 8.45 24.90
N LYS B 173 -5.36 9.29 25.93
CA LYS B 173 -5.21 8.82 27.30
C LYS B 173 -6.60 8.77 27.89
N GLY B 174 -7.48 8.02 27.22
CA GLY B 174 -8.85 7.94 27.66
C GLY B 174 -9.61 9.18 27.24
N ASN B 175 -8.91 10.11 26.59
CA ASN B 175 -9.51 11.36 26.14
C ASN B 175 -9.97 11.34 24.69
N LYS B 176 -11.29 11.38 24.49
CA LYS B 176 -11.87 11.39 23.15
C LYS B 176 -11.24 12.55 22.39
N HIS B 177 -11.01 12.38 21.09
CA HIS B 177 -10.44 13.47 20.30
C HIS B 177 -10.84 13.48 18.83
N TRP B 178 -10.35 14.49 18.14
CA TRP B 178 -10.62 14.71 16.72
C TRP B 178 -9.30 14.91 15.99
N ILE B 179 -8.93 14.00 15.11
CA ILE B 179 -7.69 14.14 14.35
C ILE B 179 -7.87 15.27 13.35
N ILE B 180 -7.25 16.41 13.64
CA ILE B 180 -7.35 17.58 12.77
C ILE B 180 -6.09 17.88 11.96
N LYS B 181 -6.28 18.14 10.66
CA LYS B 181 -5.20 18.46 9.75
C LYS B 181 -5.21 19.95 9.47
N ASN B 182 -4.08 20.60 9.75
CA ASN B 182 -3.93 22.03 9.58
C ASN B 182 -3.11 22.34 8.34
N SER B 183 -3.16 23.60 7.91
CA SER B 183 -2.42 24.01 6.70
C SER B 183 -1.35 25.05 6.96
N TRP B 184 -0.70 24.96 8.12
CA TRP B 184 0.36 25.89 8.48
C TRP B 184 1.74 25.25 8.33
N GLY B 185 1.82 24.20 7.51
CA GLY B 185 3.08 23.51 7.30
C GLY B 185 3.25 22.30 8.19
N GLU B 186 4.22 21.47 7.86
CA GLU B 186 4.51 20.24 8.60
C GLU B 186 5.31 20.43 9.89
N ASN B 187 5.86 21.62 10.07
CA ASN B 187 6.63 21.88 11.27
C ASN B 187 5.76 22.49 12.37
N TRP B 188 4.47 22.62 12.10
CA TRP B 188 3.56 23.15 13.09
C TRP B 188 2.93 21.96 13.81
N GLY B 189 2.31 22.21 14.95
CA GLY B 189 1.69 21.14 15.70
C GLY B 189 2.53 19.88 15.68
N ASN B 190 1.90 18.75 15.38
CA ASN B 190 2.59 17.46 15.33
C ASN B 190 2.65 16.98 13.90
N LYS B 191 3.76 17.29 13.23
CA LYS B 191 3.90 16.91 11.84
C LYS B 191 2.75 17.52 11.03
N GLY B 192 2.23 18.64 11.51
CA GLY B 192 1.17 19.32 10.82
C GLY B 192 -0.22 19.08 11.35
N TYR B 193 -0.40 18.03 12.15
CA TYR B 193 -1.74 17.75 12.67
C TYR B 193 -1.91 18.17 14.11
N ILE B 194 -3.12 18.04 14.61
CA ILE B 194 -3.41 18.41 15.99
C ILE B 194 -4.66 17.67 16.48
N LEU B 195 -4.57 17.05 17.66
CA LEU B 195 -5.72 16.35 18.23
C LEU B 195 -6.49 17.39 19.05
N MET B 196 -7.79 17.50 18.80
CA MET B 196 -8.60 18.48 19.52
C MET B 196 -9.71 17.82 20.32
N ALA B 197 -9.84 18.21 21.58
CA ALA B 197 -10.85 17.67 22.45
C ALA B 197 -12.14 17.31 21.69
N ARG B 198 -12.69 16.16 22.04
CA ARG B 198 -13.93 15.63 21.47
C ARG B 198 -14.96 15.41 22.59
N ASN B 199 -16.21 15.78 22.32
CA ASN B 199 -17.29 15.62 23.29
C ASN B 199 -17.19 16.50 24.51
N LYS B 200 -16.14 17.31 24.56
CA LYS B 200 -15.95 18.24 25.67
C LYS B 200 -16.74 19.52 25.38
N ASN B 201 -18.04 19.36 25.20
CA ASN B 201 -18.95 20.48 24.95
C ASN B 201 -18.72 21.27 23.67
N ASN B 202 -18.34 20.61 22.59
CA ASN B 202 -18.11 21.28 21.31
C ASN B 202 -17.03 22.34 21.49
N ALA B 203 -15.89 21.90 22.03
CA ALA B 203 -14.76 22.77 22.27
C ALA B 203 -14.40 23.56 21.02
N CYS B 204 -14.08 24.83 21.21
CA CYS B 204 -13.71 25.71 20.10
C CYS B 204 -14.70 25.62 18.94
N GLY B 205 -15.92 25.17 19.24
CA GLY B 205 -16.96 25.05 18.23
C GLY B 205 -16.58 24.23 17.01
N ILE B 206 -16.01 23.06 17.27
CA ILE B 206 -15.55 22.15 16.22
C ILE B 206 -16.68 21.70 15.28
N ALA B 207 -17.84 21.43 15.85
CA ALA B 207 -18.98 21.00 15.08
C ALA B 207 -20.02 22.11 15.02
N ASN B 208 -19.60 23.32 14.69
CA ASN B 208 -20.48 24.47 14.64
C ASN B 208 -20.68 24.94 13.20
N LEU B 209 -19.73 24.60 12.35
CA LEU B 209 -19.80 24.97 10.94
C LEU B 209 -19.12 23.88 10.14
N ALA B 210 -19.49 22.63 10.41
CA ALA B 210 -18.92 21.47 9.72
C ALA B 210 -19.62 21.17 8.41
N SER B 211 -18.82 20.81 7.40
CA SER B 211 -19.38 20.48 6.10
C SER B 211 -18.45 19.70 5.18
N PHE B 212 -19.04 19.02 4.20
CA PHE B 212 -18.28 18.24 3.23
C PHE B 212 -18.94 18.39 1.88
N PRO B 213 -18.17 18.17 0.81
CA PRO B 213 -18.70 18.29 -0.54
C PRO B 213 -19.33 16.98 -1.09
N LYS B 214 -20.28 17.13 -2.01
CA LYS B 214 -20.94 15.99 -2.65
C LYS B 214 -20.38 15.77 -4.04
N MET B 215 -19.85 14.57 -4.30
CA MET B 215 -19.29 14.25 -5.61
C MET B 215 -20.05 13.16 -6.35
C1 750 C . -4.47 -12.05 -19.07
O2 750 C . -3.45 -12.02 -20.12
C3 750 C . -2.72 -10.74 -20.23
C4 750 C . -2.04 -10.33 -18.85
N5 750 C . -3.09 -10.39 -17.73
C6 750 C . -3.90 -11.68 -17.65
C7 750 C . -2.53 -10.04 -16.35
C8 750 C . -1.02 -9.64 -16.26
O9 750 C . -0.74 -9.36 -14.84
C10 750 C . 0.45 -8.97 -14.19
C11 750 C . 1.05 -9.70 -13.10
C12 750 C . 2.24 -9.20 -12.49
C13 750 C . 2.84 -7.97 -12.96
C14 750 C . 2.26 -7.24 -14.05
C15 750 C . 1.06 -7.74 -14.66
C16 750 C . 3.00 -9.72 -11.45
C17 750 C . 4.07 -8.83 -11.25
O18 750 C . 3.96 -7.76 -12.18
C19 750 C . 5.22 -8.93 -10.26
O20 750 C . 6.08 -8.05 -10.28
N21 750 C . 5.32 -10.01 -9.43
C22 750 C . 6.50 -10.21 -8.51
C23 750 C . 6.35 -11.46 -7.61
C24 750 C . 5.10 -11.73 -6.74
C25 750 C . 5.16 -13.19 -6.24
C26 750 C . 5.01 -10.80 -5.50
C27 750 C . 7.75 -10.36 -9.46
O28 750 C . 7.63 -10.96 -10.55
N29 750 C . 8.93 -9.83 -9.10
C30 750 C . 10.12 -9.98 -9.99
O32 750 C . 12.27 -11.01 -10.24
C33 750 C . 11.77 -10.35 -7.99
N34 750 C . 12.62 -9.11 -8.15
C35 750 C . 11.95 -7.77 -8.11
C36 750 C . 10.83 -7.50 -9.16
C37 750 C . 10.65 -8.54 -10.33
C38 750 C . 13.98 -9.22 -8.36
O39 750 C . 14.52 -10.31 -8.06
C40 750 C . 14.91 -8.14 -8.97
C41 750 C . 16.35 -8.60 -9.36
C42 750 C . 16.68 -8.87 -10.72
C43 750 C . 17.99 -9.30 -11.08
C44 750 C . 19.00 -9.46 -10.08
C45 750 C . 18.72 -9.18 -8.67
C46 750 C . 17.35 -8.75 -8.36
C47 750 C . 19.75 -9.32 -7.63
C48 750 C . 19.55 -8.82 -6.26
C49 750 C . 20.59 -8.99 -5.29
C50 750 C . 21.81 -9.63 -5.68
C51 750 C . 21.97 -10.09 -7.02
N52 750 C . 20.96 -9.92 -7.92
C31 750 C . 11.18 -10.88 -9.34
C1 750 D . -21.03 37.70 -3.54
O2 750 D . -19.81 37.96 -4.34
C3 750 D . -18.87 38.93 -3.75
C4 750 D . -18.48 38.56 -2.26
N5 750 D . -19.75 38.27 -1.43
C6 750 D . -20.73 37.28 -2.06
C7 750 D . -19.45 37.90 0.02
C8 750 D . -17.96 37.91 0.48
O9 750 D . -17.95 37.51 1.91
C10 750 D . -16.90 37.33 2.83
C11 750 D . -16.63 36.08 3.50
C12 750 D . -15.56 36.03 4.45
C13 750 D . -14.75 37.20 4.72
C14 750 D . -15.02 38.44 4.02
C15 750 D . -16.09 38.49 3.09
C16 750 D . -15.09 34.97 5.24
C17 750 D . -14.00 35.48 5.99
O18 750 D . -13.83 36.84 5.65
C19 750 D . -13.10 34.73 6.99
O20 750 D . -12.17 35.36 7.54
N21 750 D . -13.29 33.39 7.22
C22 750 D . -12.37 32.60 8.10
C23 750 D . -12.87 31.14 8.30
C24 750 D . -14.29 30.80 8.80
C25 750 D . -14.55 29.30 8.53
C26 750 D . -14.46 31.04 10.31
C27 750 D . -10.97 32.62 7.36
O28 750 D . -10.94 32.60 6.11
N29 750 D . -9.83 32.68 8.07
C30 750 D . -8.50 32.71 7.37
O32 750 D . -6.41 31.58 6.97
C33 750 D . -7.33 31.20 9.15
N34 750 D . -6.35 32.19 9.71
C35 750 D . -6.84 33.50 10.30
C36 750 D . -7.68 34.42 9.35
C37 750 D . -7.75 34.05 7.81
C38 750 D . -5.01 31.89 9.64
O39 750 D . -4.66 30.71 9.44
C40 750 D . -3.84 32.93 9.75
C41 750 D . -2.45 32.37 9.43
C42 750 D . -1.91 32.56 8.15
C43 750 D . -0.62 32.04 7.83
C44 750 D . 0.11 31.34 8.81
C45 750 D . -0.39 31.12 10.15
C46 750 D . -1.71 31.68 10.42
C47 750 D . 0.36 30.40 11.15
C48 750 D . -0.04 30.32 12.54
C49 750 D . 0.76 29.58 13.46
C50 750 D . 1.93 28.93 13.02
C51 750 D . 2.29 29.04 11.66
N52 750 D . 1.51 29.75 10.80
C31 750 D . -7.67 31.45 7.67
#